data_4B5F
#
_entry.id   4B5F
#
_cell.length_a   67.789
_cell.length_b   67.789
_cell.length_c   125.165
_cell.angle_alpha   90.00
_cell.angle_beta   90.00
_cell.angle_gamma   90.00
#
_symmetry.space_group_name_H-M   'P 43 21 2'
#
loop_
_entity.id
_entity.type
_entity.pdbx_description
1 polymer 'PUTATIVE EXODEOXYRIBONUCLEASE'
2 polymer "5'-D(*GP*CP*TP*AP*CP*3DRP*GP*AP*TP*CP*GP)-3'"
3 polymer "5'-D(*CP*GP*AP*TP*CP*GP*GP*TP*AP*GP*CP)-3'"
4 water water
#
loop_
_entity_poly.entity_id
_entity_poly.type
_entity_poly.pdbx_seq_one_letter_code
_entity_poly.pdbx_strand_id
1 'polypeptide(L)'
;MLKIISANVNGIRSAYKKGFYEYIAASGADIVCVQELKAQEADLSADMKNPHGMHGHWHCAEKRGYSGVAVYSKRKPDNV
QIGMGIEEFDREGRFVRCDFGRLSVISLYLPSGSSAEERQQVKYRFLDAFYPMLEAMKNEGRDIVVCGDWNIAHQNIDLK
NWKGNQKNSGFLPEEREWIGKVIHKLGWTDMWRTLYPDVPGYTWWSNRGQAYAKDVGWRIDYQMVTPELAAKAVSAHVYK
DEKFSDHAPLVVEYDYAAE
;
A
2 'polydeoxyribonucleotide' (DG)(DC)(DT)(DA)(DC)(3DR)(DG)(DA)(DT)(DC)(DG) U
3 'polydeoxyribonucleotide' (DC)(DG)(DA)(DT)(DC)(DG)(DG)(DT)(DA)(DG)(DC) V
#
loop_
_chem_comp.id
_chem_comp.type
_chem_comp.name
_chem_comp.formula
3DR DNA linking 1',2'-DIDEOXYRIBOFURANOSE-5'-PHOSPHATE 'C5 H11 O6 P'
DA DNA linking 2'-DEOXYADENOSINE-5'-MONOPHOSPHATE 'C10 H14 N5 O6 P'
DC DNA linking 2'-DEOXYCYTIDINE-5'-MONOPHOSPHATE 'C9 H14 N3 O7 P'
DG DNA linking 2'-DEOXYGUANOSINE-5'-MONOPHOSPHATE 'C10 H14 N5 O7 P'
DT DNA linking THYMIDINE-5'-MONOPHOSPHATE 'C10 H15 N2 O8 P'
#
# COMPACT_ATOMS: atom_id res chain seq x y z
N MET A 1 -3.31 1.51 21.49
CA MET A 1 -2.76 2.09 20.28
C MET A 1 -3.27 1.38 19.04
N LEU A 2 -3.51 2.14 17.98
CA LEU A 2 -3.99 1.58 16.72
C LEU A 2 -2.83 1.29 15.77
N LYS A 3 -2.53 0.01 15.57
CA LYS A 3 -1.42 -0.37 14.71
C LYS A 3 -1.89 -0.83 13.33
N ILE A 4 -1.51 -0.08 12.30
CA ILE A 4 -1.86 -0.43 10.92
C ILE A 4 -0.61 -0.81 10.13
N ILE A 5 -0.69 -1.94 9.44
CA ILE A 5 0.42 -2.42 8.62
C ILE A 5 0.05 -2.47 7.15
N SER A 6 0.95 -1.99 6.30
CA SER A 6 0.78 -2.11 4.86
C SER A 6 1.89 -2.98 4.30
N ALA A 7 1.51 -4.11 3.69
CA ALA A 7 2.49 -5.07 3.21
C ALA A 7 2.14 -5.64 1.84
N ASN A 8 2.97 -5.34 0.85
CA ASN A 8 2.91 -6.02 -0.43
C ASN A 8 3.62 -7.37 -0.28
N VAL A 9 2.85 -8.44 -0.31
CA VAL A 9 3.38 -9.76 0.04
C VAL A 9 3.99 -10.52 -1.14
N ASN A 10 3.89 -9.94 -2.34
CA ASN A 10 4.44 -10.57 -3.53
C ASN A 10 3.98 -12.02 -3.65
N GLY A 11 2.67 -12.24 -3.63
CA GLY A 11 2.10 -13.57 -3.67
C GLY A 11 1.79 -14.08 -2.27
N ILE A 12 0.53 -14.04 -1.89
CA ILE A 12 0.11 -14.39 -0.54
C ILE A 12 0.44 -15.84 -0.20
N ARG A 13 0.33 -16.73 -1.18
CA ARG A 13 0.65 -18.14 -0.98
C ARG A 13 2.14 -18.34 -0.69
N SER A 14 2.96 -17.55 -1.38
CA SER A 14 4.41 -17.58 -1.17
C SER A 14 4.78 -17.03 0.20
N ALA A 15 4.18 -15.90 0.55
CA ALA A 15 4.47 -15.24 1.82
C ALA A 15 4.07 -16.09 3.01
N TYR A 16 2.97 -16.83 2.86
CA TYR A 16 2.48 -17.71 3.93
C TYR A 16 3.41 -18.89 4.17
N LYS A 17 4.34 -19.11 3.23
CA LYS A 17 5.34 -20.16 3.39
C LYS A 17 6.65 -19.58 3.94
N LYS A 18 6.67 -18.26 4.13
CA LYS A 18 7.86 -17.58 4.63
C LYS A 18 7.67 -17.09 6.06
N GLY A 19 6.46 -17.27 6.59
CA GLY A 19 6.17 -16.89 7.96
C GLY A 19 5.36 -15.62 8.11
N PHE A 20 4.70 -15.20 7.03
CA PHE A 20 3.90 -13.98 7.08
C PHE A 20 2.63 -14.18 7.90
N TYR A 21 2.09 -15.39 7.88
CA TYR A 21 0.90 -15.70 8.66
C TYR A 21 1.16 -15.52 10.15
N GLU A 22 2.29 -16.04 10.62
CA GLU A 22 2.68 -15.87 12.01
C GLU A 22 2.94 -14.40 12.33
N TYR A 23 3.51 -13.68 11.37
CA TYR A 23 3.82 -12.27 11.55
C TYR A 23 2.56 -11.44 11.78
N ILE A 24 1.48 -11.79 11.09
CA ILE A 24 0.21 -11.09 11.26
C ILE A 24 -0.17 -10.97 12.73
N ALA A 25 -0.02 -12.07 13.46
CA ALA A 25 -0.38 -12.10 14.88
C ALA A 25 0.71 -11.50 15.76
N ALA A 26 1.95 -11.90 15.52
CA ALA A 26 3.08 -11.47 16.34
C ALA A 26 3.32 -9.97 16.28
N SER A 27 2.96 -9.36 15.16
CA SER A 27 3.13 -7.92 14.97
C SER A 27 2.22 -7.14 15.91
N GLY A 28 1.14 -7.78 16.34
CA GLY A 28 0.17 -7.12 17.20
C GLY A 28 -0.63 -6.08 16.45
N ALA A 29 -0.61 -6.16 15.13
CA ALA A 29 -1.34 -5.21 14.29
C ALA A 29 -2.86 -5.33 14.48
N ASP A 30 -3.54 -4.19 14.43
CA ASP A 30 -4.99 -4.17 14.47
C ASP A 30 -5.56 -4.33 13.07
N ILE A 31 -4.90 -3.70 12.10
CA ILE A 31 -5.33 -3.73 10.72
C ILE A 31 -4.12 -3.99 9.81
N VAL A 32 -4.26 -4.95 8.91
CA VAL A 32 -3.19 -5.29 7.98
C VAL A 32 -3.68 -5.22 6.53
N CYS A 33 -3.14 -4.28 5.77
CA CYS A 33 -3.50 -4.14 4.36
C CYS A 33 -2.44 -4.79 3.48
N VAL A 34 -2.84 -5.78 2.69
CA VAL A 34 -1.91 -6.51 1.85
C VAL A 34 -2.17 -6.27 0.35
N GLN A 35 -1.10 -6.29 -0.44
CA GLN A 35 -1.21 -6.11 -1.88
C GLN A 35 -0.51 -7.24 -2.63
N GLU A 36 -0.88 -7.43 -3.89
CA GLU A 36 -0.35 -8.51 -4.72
C GLU A 36 -0.62 -9.89 -4.13
N LEU A 37 -1.90 -10.22 -3.99
CA LEU A 37 -2.29 -11.56 -3.56
C LEU A 37 -1.79 -12.58 -4.58
N LYS A 38 -1.75 -12.17 -5.84
CA LYS A 38 -1.40 -13.06 -6.94
C LYS A 38 -2.19 -14.36 -6.85
N ALA A 39 -3.47 -14.23 -6.49
CA ALA A 39 -4.34 -15.37 -6.34
C ALA A 39 -5.80 -14.91 -6.39
N GLN A 40 -6.69 -15.84 -6.73
CA GLN A 40 -8.12 -15.55 -6.72
C GLN A 40 -8.75 -16.21 -5.50
N GLU A 41 -10.00 -15.86 -5.21
CA GLU A 41 -10.66 -16.36 -4.00
C GLU A 41 -10.56 -17.87 -3.84
N ALA A 42 -10.71 -18.59 -4.95
CA ALA A 42 -10.67 -20.05 -4.93
C ALA A 42 -9.30 -20.57 -4.49
N ASP A 43 -8.27 -19.78 -4.72
CA ASP A 43 -6.90 -20.18 -4.40
C ASP A 43 -6.54 -19.86 -2.96
N LEU A 44 -7.35 -19.01 -2.32
CA LEU A 44 -7.09 -18.59 -0.95
C LEU A 44 -7.61 -19.61 0.05
N SER A 45 -6.79 -19.94 1.04
CA SER A 45 -7.23 -20.79 2.14
C SER A 45 -8.01 -19.94 3.12
N ALA A 46 -8.75 -20.59 4.01
CA ALA A 46 -9.53 -19.87 5.01
C ALA A 46 -8.65 -18.94 5.82
N ASP A 47 -7.41 -19.38 6.08
CA ASP A 47 -6.47 -18.61 6.88
C ASP A 47 -5.93 -17.40 6.11
N MET A 48 -6.08 -17.42 4.78
CA MET A 48 -5.67 -16.31 3.94
C MET A 48 -6.80 -15.30 3.75
N LYS A 49 -7.99 -15.67 4.20
CA LYS A 49 -9.15 -14.79 4.12
C LYS A 49 -9.42 -14.17 5.49
N ASN A 50 -9.42 -15.02 6.51
CA ASN A 50 -9.60 -14.56 7.89
C ASN A 50 -8.51 -15.08 8.81
N PRO A 51 -7.29 -14.52 8.69
CA PRO A 51 -6.16 -14.96 9.51
C PRO A 51 -6.38 -14.69 10.99
N HIS A 52 -6.17 -15.71 11.83
CA HIS A 52 -6.27 -15.56 13.28
C HIS A 52 -7.62 -15.01 13.72
N GLY A 53 -8.68 -15.41 13.03
CA GLY A 53 -10.02 -14.98 13.39
C GLY A 53 -10.32 -13.54 13.01
N MET A 54 -9.36 -12.89 12.35
CA MET A 54 -9.59 -11.53 11.88
C MET A 54 -10.60 -11.52 10.74
N HIS A 55 -11.41 -10.48 10.67
CA HIS A 55 -12.27 -10.27 9.53
C HIS A 55 -11.40 -9.93 8.32
N GLY A 56 -11.89 -10.22 7.12
CA GLY A 56 -11.10 -9.98 5.93
C GLY A 56 -11.95 -9.72 4.70
N HIS A 57 -11.49 -8.79 3.87
CA HIS A 57 -12.20 -8.47 2.63
C HIS A 57 -11.21 -8.21 1.50
N TRP A 58 -11.35 -8.95 0.41
CA TRP A 58 -10.36 -8.90 -0.67
C TRP A 58 -11.01 -8.56 -2.00
N HIS A 59 -10.18 -8.08 -2.92
CA HIS A 59 -10.61 -7.91 -4.30
C HIS A 59 -9.56 -8.53 -5.22
N CYS A 60 -9.94 -9.60 -5.91
CA CYS A 60 -9.02 -10.33 -6.75
C CYS A 60 -9.17 -9.92 -8.22
N ALA A 61 -8.08 -10.08 -8.97
CA ALA A 61 -8.09 -9.77 -10.39
C ALA A 61 -8.79 -10.87 -11.18
N GLU A 62 -9.23 -10.54 -12.39
CA GLU A 62 -9.88 -11.51 -13.25
C GLU A 62 -8.85 -12.48 -13.84
N LYS A 63 -7.63 -12.01 -14.01
CA LYS A 63 -6.54 -12.85 -14.48
C LYS A 63 -5.90 -13.59 -13.32
N ARG A 64 -5.53 -14.85 -13.55
CA ARG A 64 -4.98 -15.70 -12.51
C ARG A 64 -3.56 -15.29 -12.11
N GLY A 65 -3.24 -15.47 -10.82
CA GLY A 65 -1.91 -15.17 -10.31
C GLY A 65 -1.46 -13.76 -10.58
N TYR A 66 -2.38 -12.81 -10.42
CA TYR A 66 -2.09 -11.41 -10.75
C TYR A 66 -2.73 -10.44 -9.76
N SER A 67 -1.93 -9.47 -9.30
CA SER A 67 -2.44 -8.38 -8.47
C SER A 67 -3.27 -8.87 -7.29
N GLY A 68 -4.31 -8.13 -6.95
CA GLY A 68 -5.18 -8.48 -5.84
C GLY A 68 -4.78 -7.82 -4.54
N VAL A 69 -5.78 -7.33 -3.80
CA VAL A 69 -5.53 -6.68 -2.52
C VAL A 69 -6.51 -7.16 -1.48
N ALA A 70 -6.20 -6.91 -0.21
CA ALA A 70 -7.08 -7.32 0.89
C ALA A 70 -6.86 -6.48 2.14
N VAL A 71 -7.86 -6.47 3.01
CA VAL A 71 -7.78 -5.79 4.30
C VAL A 71 -8.24 -6.74 5.39
N TYR A 72 -7.34 -7.00 6.34
CA TYR A 72 -7.67 -7.78 7.53
C TYR A 72 -7.81 -6.84 8.72
N SER A 73 -8.71 -7.17 9.64
CA SER A 73 -8.93 -6.31 10.80
C SER A 73 -9.54 -7.10 11.96
N LYS A 74 -9.02 -6.89 13.15
CA LYS A 74 -9.58 -7.54 14.35
C LYS A 74 -11.03 -7.14 14.53
N ARG A 75 -11.33 -5.88 14.28
CA ARG A 75 -12.69 -5.36 14.43
CA ARG A 75 -12.69 -5.35 14.43
C ARG A 75 -13.51 -5.57 13.15
N LYS A 76 -14.80 -5.81 13.33
CA LYS A 76 -15.69 -6.00 12.19
C LYS A 76 -16.08 -4.65 11.59
N PRO A 77 -15.77 -4.44 10.30
CA PRO A 77 -16.14 -3.19 9.63
C PRO A 77 -17.65 -3.07 9.50
N ASP A 78 -18.18 -1.85 9.63
CA ASP A 78 -19.60 -1.63 9.46
C ASP A 78 -19.96 -1.38 8.00
N ASN A 79 -18.97 -1.43 7.14
CA ASN A 79 -19.18 -1.26 5.70
C ASN A 79 -17.95 -1.62 4.89
N VAL A 80 -18.15 -2.24 3.74
CA VAL A 80 -17.05 -2.65 2.88
C VAL A 80 -17.31 -2.25 1.42
N GLN A 81 -16.29 -1.70 0.78
CA GLN A 81 -16.37 -1.33 -0.64
C GLN A 81 -15.31 -2.07 -1.44
N ILE A 82 -15.73 -3.01 -2.26
CA ILE A 82 -14.82 -3.76 -3.10
C ILE A 82 -14.68 -3.09 -4.46
N GLY A 83 -13.51 -2.49 -4.70
CA GLY A 83 -13.23 -1.84 -5.97
C GLY A 83 -13.43 -0.33 -5.96
N MET A 84 -12.84 0.34 -6.94
CA MET A 84 -12.94 1.79 -7.05
C MET A 84 -14.30 2.22 -7.59
N GLY A 85 -14.96 1.31 -8.30
CA GLY A 85 -16.19 1.64 -8.99
C GLY A 85 -15.88 1.93 -10.45
N ILE A 86 -14.67 1.57 -10.86
CA ILE A 86 -14.23 1.72 -12.24
C ILE A 86 -13.78 0.38 -12.78
N GLU A 87 -14.56 -0.18 -13.71
CA GLU A 87 -14.31 -1.51 -14.22
C GLU A 87 -12.89 -1.68 -14.78
N GLU A 88 -12.42 -0.65 -15.48
CA GLU A 88 -11.10 -0.69 -16.12
C GLU A 88 -10.02 -1.16 -15.16
N PHE A 89 -10.13 -0.77 -13.90
CA PHE A 89 -9.11 -1.10 -12.92
C PHE A 89 -9.57 -2.17 -11.92
N ASP A 90 -10.87 -2.25 -11.71
CA ASP A 90 -11.41 -3.27 -10.82
C ASP A 90 -11.25 -4.67 -11.39
N ARG A 91 -11.04 -4.75 -12.71
CA ARG A 91 -10.71 -6.00 -13.36
C ARG A 91 -9.43 -6.58 -12.78
N GLU A 92 -8.56 -5.69 -12.30
CA GLU A 92 -7.23 -6.09 -11.85
C GLU A 92 -7.14 -6.16 -10.32
N GLY A 93 -8.26 -5.95 -9.65
CA GLY A 93 -8.33 -6.05 -8.19
C GLY A 93 -7.25 -5.24 -7.49
N ARG A 94 -7.45 -3.93 -7.42
CA ARG A 94 -6.42 -3.03 -6.92
C ARG A 94 -6.88 -2.12 -5.78
N PHE A 95 -8.13 -2.25 -5.35
CA PHE A 95 -8.69 -1.33 -4.38
C PHE A 95 -9.69 -1.99 -3.45
N VAL A 96 -9.46 -1.87 -2.14
CA VAL A 96 -10.44 -2.30 -1.15
C VAL A 96 -10.56 -1.24 -0.07
N ARG A 97 -11.79 -1.02 0.41
CA ARG A 97 -12.01 -0.07 1.50
C ARG A 97 -12.84 -0.68 2.62
N CYS A 98 -12.45 -0.43 3.85
CA CYS A 98 -13.20 -0.89 5.01
C CYS A 98 -13.45 0.28 5.96
N ASP A 99 -14.69 0.41 6.44
CA ASP A 99 -15.04 1.49 7.35
C ASP A 99 -15.23 0.98 8.77
N PHE A 100 -14.54 1.63 9.70
CA PHE A 100 -14.63 1.30 11.12
C PHE A 100 -15.03 2.54 11.91
N GLY A 101 -16.33 2.78 12.00
CA GLY A 101 -16.82 3.98 12.67
C GLY A 101 -16.35 5.24 12.00
N ARG A 102 -15.58 6.05 12.73
CA ARG A 102 -15.06 7.30 12.20
C ARG A 102 -13.82 7.08 11.34
N LEU A 103 -13.35 5.84 11.29
CA LEU A 103 -12.13 5.51 10.56
C LEU A 103 -12.42 4.73 9.28
N SER A 104 -11.57 4.91 8.28
CA SER A 104 -11.63 4.13 7.05
C SER A 104 -10.22 3.82 6.58
N VAL A 105 -9.98 2.54 6.26
CA VAL A 105 -8.66 2.12 5.79
C VAL A 105 -8.79 1.47 4.41
N ILE A 106 -7.87 1.81 3.52
CA ILE A 106 -7.87 1.29 2.17
C ILE A 106 -6.60 0.52 1.87
N SER A 107 -6.73 -0.59 1.14
CA SER A 107 -5.58 -1.29 0.59
C SER A 107 -5.53 -1.04 -0.91
N LEU A 108 -4.41 -0.49 -1.37
CA LEU A 108 -4.26 -0.06 -2.75
C LEU A 108 -3.01 -0.64 -3.41
N TYR A 109 -3.18 -1.13 -4.64
CA TYR A 109 -2.06 -1.53 -5.46
C TYR A 109 -2.09 -0.73 -6.75
N LEU A 110 -1.29 0.34 -6.81
CA LEU A 110 -1.25 1.21 -7.98
C LEU A 110 -0.44 0.55 -9.09
N PRO A 111 -0.96 0.59 -10.32
CA PRO A 111 -0.37 -0.08 -11.48
C PRO A 111 1.08 0.32 -11.75
N SER A 112 1.89 -0.66 -12.13
CA SER A 112 3.26 -0.40 -12.55
C SER A 112 3.27 -0.06 -14.03
N GLY A 113 4.23 0.77 -14.45
CA GLY A 113 4.35 1.15 -15.85
C GLY A 113 5.68 0.73 -16.44
N SER A 114 6.42 -0.08 -15.70
CA SER A 114 7.78 -0.46 -16.10
C SER A 114 7.84 -1.55 -17.16
N SER A 115 6.79 -2.35 -17.26
CA SER A 115 6.76 -3.46 -18.21
C SER A 115 6.76 -2.97 -19.66
N ALA A 116 5.91 -1.98 -19.95
CA ALA A 116 5.79 -1.46 -21.31
C ALA A 116 5.15 -0.08 -21.34
N GLU A 117 5.33 0.63 -22.45
CA GLU A 117 4.77 1.96 -22.61
C GLU A 117 3.26 1.97 -22.43
N GLU A 118 2.60 0.90 -22.89
CA GLU A 118 1.16 0.80 -22.78
C GLU A 118 0.72 0.71 -21.31
N ARG A 119 1.53 0.05 -20.49
CA ARG A 119 1.23 -0.05 -19.07
C ARG A 119 1.53 1.25 -18.34
N GLN A 120 2.44 2.05 -18.90
CA GLN A 120 2.69 3.38 -18.35
C GLN A 120 1.49 4.27 -18.60
N GLN A 121 0.93 4.16 -19.80
CA GLN A 121 -0.28 4.90 -20.15
C GLN A 121 -1.43 4.51 -19.24
N VAL A 122 -1.62 3.21 -19.05
CA VAL A 122 -2.67 2.72 -18.16
C VAL A 122 -2.47 3.27 -16.75
N LYS A 123 -1.21 3.36 -16.33
CA LYS A 123 -0.87 3.87 -15.01
C LYS A 123 -1.32 5.32 -14.87
N TYR A 124 -1.04 6.13 -15.89
CA TYR A 124 -1.45 7.53 -15.89
C TYR A 124 -2.97 7.69 -15.87
N ARG A 125 -3.67 6.79 -16.57
CA ARG A 125 -5.12 6.79 -16.51
C ARG A 125 -5.59 6.51 -15.08
N PHE A 126 -4.92 5.60 -14.41
CA PHE A 126 -5.24 5.28 -13.03
C PHE A 126 -5.05 6.49 -12.13
N LEU A 127 -4.00 7.27 -12.39
CA LEU A 127 -3.76 8.48 -11.63
C LEU A 127 -4.89 9.48 -11.83
N ASP A 128 -5.34 9.59 -13.08
CA ASP A 128 -6.43 10.50 -13.45
C ASP A 128 -7.72 10.14 -12.73
N ALA A 129 -8.00 8.85 -12.62
CA ALA A 129 -9.27 8.38 -12.07
C ALA A 129 -9.27 8.28 -10.55
N PHE A 130 -8.07 8.19 -9.97
CA PHE A 130 -7.93 7.97 -8.53
C PHE A 130 -7.76 9.30 -7.80
N TYR A 131 -7.16 10.27 -8.48
CA TYR A 131 -6.96 11.59 -7.89
C TYR A 131 -8.26 12.21 -7.37
N PRO A 132 -9.33 12.20 -8.19
CA PRO A 132 -10.60 12.77 -7.73
C PRO A 132 -11.19 11.99 -6.56
N MET A 133 -10.85 10.71 -6.46
CA MET A 133 -11.30 9.88 -5.35
C MET A 133 -10.61 10.29 -4.06
N LEU A 134 -9.33 10.65 -4.18
CA LEU A 134 -8.55 11.10 -3.03
C LEU A 134 -9.03 12.47 -2.57
N GLU A 135 -9.46 13.30 -3.53
CA GLU A 135 -9.97 14.62 -3.20
C GLU A 135 -11.31 14.50 -2.48
N ALA A 136 -12.16 13.60 -2.96
CA ALA A 136 -13.45 13.35 -2.34
C ALA A 136 -13.29 12.83 -0.91
N MET A 137 -12.49 11.79 -0.74
CA MET A 137 -12.24 11.22 0.58
C MET A 137 -11.67 12.27 1.52
N LYS A 138 -10.78 13.11 1.01
CA LYS A 138 -10.21 14.19 1.81
C LYS A 138 -11.30 15.13 2.28
N ASN A 139 -12.28 15.37 1.41
CA ASN A 139 -13.39 16.25 1.73
C ASN A 139 -14.41 15.63 2.68
N GLU A 140 -14.36 14.31 2.83
CA GLU A 140 -15.23 13.62 3.78
C GLU A 140 -15.00 14.11 5.20
N GLY A 141 -13.79 14.61 5.45
CA GLY A 141 -13.44 15.15 6.76
C GLY A 141 -13.24 14.08 7.82
N ARG A 142 -13.44 12.83 7.44
CA ARG A 142 -13.27 11.72 8.37
C ARG A 142 -11.85 11.18 8.32
N ASP A 143 -11.46 10.44 9.36
CA ASP A 143 -10.13 9.87 9.45
C ASP A 143 -9.94 8.75 8.42
N ILE A 144 -9.00 8.94 7.52
CA ILE A 144 -8.76 7.97 6.46
C ILE A 144 -7.27 7.67 6.28
N VAL A 145 -6.95 6.38 6.17
CA VAL A 145 -5.59 5.93 5.90
C VAL A 145 -5.56 5.06 4.65
N VAL A 146 -4.91 5.55 3.62
CA VAL A 146 -4.74 4.80 2.39
C VAL A 146 -3.36 4.13 2.37
N CYS A 147 -3.34 2.85 2.74
CA CYS A 147 -2.12 2.06 2.71
C CYS A 147 -1.93 1.41 1.36
N GLY A 148 -0.68 1.16 0.98
CA GLY A 148 -0.45 0.33 -0.18
C GLY A 148 0.80 0.64 -0.99
N ASP A 149 0.91 -0.07 -2.11
CA ASP A 149 2.03 0.11 -3.03
C ASP A 149 1.62 1.12 -4.11
N TRP A 150 2.11 2.35 -3.96
CA TRP A 150 1.77 3.44 -4.88
C TRP A 150 2.65 3.45 -6.12
N ASN A 151 3.69 2.62 -6.12
CA ASN A 151 4.59 2.50 -7.26
C ASN A 151 5.19 3.82 -7.74
N ILE A 152 5.36 4.76 -6.82
CA ILE A 152 6.00 6.03 -7.15
C ILE A 152 6.84 6.52 -5.98
N ALA A 153 8.09 6.85 -6.27
CA ALA A 153 8.96 7.50 -5.30
C ALA A 153 8.83 9.02 -5.50
N HIS A 154 8.68 9.75 -4.40
CA HIS A 154 8.37 11.17 -4.47
C HIS A 154 9.58 12.07 -4.74
N GLN A 155 10.60 11.95 -3.90
CA GLN A 155 11.76 12.82 -3.96
C GLN A 155 13.07 12.03 -4.03
N ASN A 156 14.17 12.72 -4.26
CA ASN A 156 15.48 12.06 -4.33
C ASN A 156 15.77 11.17 -3.13
N ILE A 157 15.34 11.61 -1.96
CA ILE A 157 15.60 10.89 -0.72
C ILE A 157 14.86 9.55 -0.69
N ASP A 158 13.87 9.39 -1.55
CA ASP A 158 13.00 8.21 -1.53
C ASP A 158 13.53 7.02 -2.29
N LEU A 159 14.72 7.15 -2.87
CA LEU A 159 15.37 6.03 -3.54
C LEU A 159 16.87 6.22 -3.61
N LYS A 160 17.61 5.11 -3.63
CA LYS A 160 19.07 5.15 -3.61
C LYS A 160 19.64 5.82 -4.85
N ASN A 161 19.20 5.36 -6.02
CA ASN A 161 19.71 5.90 -7.28
C ASN A 161 18.70 6.82 -7.95
N TRP A 162 18.57 8.04 -7.44
CA TRP A 162 17.63 9.00 -8.00
C TRP A 162 18.16 9.58 -9.31
N LYS A 163 19.47 9.77 -9.38
CA LYS A 163 20.10 10.34 -10.57
C LYS A 163 19.85 9.48 -11.82
N GLY A 164 19.92 8.16 -11.66
CA GLY A 164 19.85 7.26 -12.79
C GLY A 164 18.46 6.73 -13.13
N ASN A 165 17.47 7.08 -12.33
CA ASN A 165 16.11 6.56 -12.51
C ASN A 165 15.09 7.60 -12.95
N GLN A 166 15.57 8.79 -13.30
CA GLN A 166 14.67 9.90 -13.65
C GLN A 166 13.89 9.65 -14.94
N LYS A 167 14.32 8.65 -15.71
CA LYS A 167 13.62 8.31 -16.95
C LYS A 167 12.96 6.94 -16.85
N ASN A 168 12.86 6.42 -15.62
CA ASN A 168 12.26 5.12 -15.40
C ASN A 168 10.92 5.22 -14.66
N SER A 169 9.96 4.41 -15.09
CA SER A 169 8.66 4.35 -14.44
C SER A 169 8.82 4.19 -12.93
N GLY A 170 8.15 5.04 -12.18
CA GLY A 170 8.27 5.05 -10.72
C GLY A 170 8.92 6.32 -10.21
N PHE A 171 9.70 6.97 -11.06
CA PHE A 171 10.38 8.21 -10.68
C PHE A 171 10.40 9.22 -11.82
N LEU A 172 9.35 9.18 -12.65
CA LEU A 172 9.22 10.14 -13.74
C LEU A 172 8.70 11.47 -13.21
N PRO A 173 9.12 12.58 -13.82
CA PRO A 173 8.71 13.92 -13.39
C PRO A 173 7.20 14.04 -13.20
N GLU A 174 6.43 13.48 -14.12
CA GLU A 174 4.97 13.55 -14.05
C GLU A 174 4.42 12.79 -12.84
N GLU A 175 5.03 11.66 -12.53
CA GLU A 175 4.60 10.83 -11.40
C GLU A 175 4.92 11.49 -10.07
N ARG A 176 6.16 11.97 -9.94
CA ARG A 176 6.58 12.66 -8.72
C ARG A 176 5.70 13.87 -8.48
N GLU A 177 5.36 14.57 -9.57
CA GLU A 177 4.51 15.75 -9.49
C GLU A 177 3.11 15.38 -9.04
N TRP A 178 2.64 14.21 -9.47
CA TRP A 178 1.33 13.73 -9.08
C TRP A 178 1.26 13.46 -7.57
N ILE A 179 2.26 12.76 -7.05
CA ILE A 179 2.33 12.52 -5.62
C ILE A 179 2.36 13.84 -4.86
N GLY A 180 3.15 14.78 -5.36
CA GLY A 180 3.25 16.10 -4.76
C GLY A 180 1.91 16.80 -4.69
N LYS A 181 1.09 16.60 -5.71
CA LYS A 181 -0.25 17.20 -5.73
C LYS A 181 -1.15 16.55 -4.69
N VAL A 182 -1.07 15.23 -4.58
CA VAL A 182 -1.86 14.51 -3.59
C VAL A 182 -1.56 15.02 -2.19
N ILE A 183 -0.28 15.26 -1.91
CA ILE A 183 0.14 15.71 -0.60
C ILE A 183 -0.23 17.15 -0.30
N HIS A 184 0.13 18.06 -1.20
CA HIS A 184 -0.02 19.49 -0.94
C HIS A 184 -1.35 20.07 -1.42
N LYS A 185 -1.72 19.77 -2.66
CA LYS A 185 -2.96 20.30 -3.23
C LYS A 185 -4.19 19.71 -2.55
N LEU A 186 -4.21 18.39 -2.39
CA LEU A 186 -5.34 17.71 -1.76
C LEU A 186 -5.23 17.74 -0.24
N GLY A 187 -4.00 17.77 0.27
CA GLY A 187 -3.77 17.90 1.69
C GLY A 187 -3.50 16.61 2.44
N TRP A 188 -3.20 15.54 1.70
CA TRP A 188 -2.87 14.26 2.32
C TRP A 188 -1.48 14.30 2.95
N THR A 189 -1.27 13.45 3.95
CA THR A 189 0.01 13.40 4.64
C THR A 189 0.76 12.11 4.38
N ASP A 190 1.96 12.23 3.80
CA ASP A 190 2.87 11.11 3.66
C ASP A 190 3.38 10.78 5.05
N MET A 191 2.74 9.82 5.70
CA MET A 191 2.96 9.56 7.12
C MET A 191 4.43 9.35 7.48
N TRP A 192 5.12 8.51 6.71
CA TRP A 192 6.52 8.22 7.01
C TRP A 192 7.41 9.45 6.90
N ARG A 193 7.26 10.19 5.80
CA ARG A 193 8.10 11.35 5.54
C ARG A 193 7.88 12.47 6.54
N THR A 194 6.65 12.57 7.05
CA THR A 194 6.32 13.57 8.05
C THR A 194 6.84 13.18 9.43
N LEU A 195 6.78 11.88 9.73
CA LEU A 195 7.31 11.36 10.99
C LEU A 195 8.83 11.43 11.05
N TYR A 196 9.47 11.06 9.94
CA TYR A 196 10.92 11.00 9.89
C TYR A 196 11.46 11.68 8.63
N PRO A 197 11.52 13.02 8.65
CA PRO A 197 11.87 13.86 7.51
C PRO A 197 13.15 13.44 6.78
N ASP A 198 14.14 12.96 7.51
CA ASP A 198 15.46 12.68 6.93
C ASP A 198 15.68 11.20 6.60
N VAL A 199 14.91 10.31 7.22
CA VAL A 199 15.10 8.88 7.03
C VAL A 199 14.49 8.40 5.72
N PRO A 200 15.31 7.82 4.83
CA PRO A 200 14.88 7.33 3.53
C PRO A 200 13.70 6.37 3.65
N GLY A 201 13.90 5.27 4.38
CA GLY A 201 12.82 4.33 4.64
C GLY A 201 12.36 3.55 3.43
N TYR A 202 13.31 3.03 2.65
CA TYR A 202 12.99 2.21 1.49
C TYR A 202 12.09 1.05 1.90
N THR A 203 11.20 0.65 0.99
CA THR A 203 10.27 -0.44 1.26
C THR A 203 10.30 -1.50 0.18
N TRP A 204 11.08 -1.26 -0.87
CA TRP A 204 11.17 -2.19 -1.99
C TRP A 204 12.59 -2.27 -2.53
N TRP A 205 12.98 -3.45 -2.99
CA TRP A 205 14.30 -3.66 -3.58
C TRP A 205 14.20 -4.55 -4.80
N SER A 206 14.81 -4.12 -5.89
CA SER A 206 14.79 -4.88 -7.14
C SER A 206 15.47 -6.23 -6.99
N ASN A 207 15.13 -7.16 -7.89
CA ASN A 207 15.76 -8.47 -7.93
C ASN A 207 17.12 -8.42 -8.61
N ARG A 208 17.34 -7.34 -9.37
CA ARG A 208 18.57 -7.19 -10.14
C ARG A 208 19.79 -7.04 -9.25
N GLY A 209 20.92 -7.60 -9.69
CA GLY A 209 22.16 -7.51 -8.97
C GLY A 209 22.05 -7.87 -7.50
N GLN A 210 22.68 -7.08 -6.65
CA GLN A 210 22.62 -7.29 -5.20
C GLN A 210 21.92 -6.12 -4.54
N ALA A 211 20.83 -5.66 -5.15
CA ALA A 211 20.10 -4.48 -4.68
C ALA A 211 19.78 -4.54 -3.18
N TYR A 212 19.15 -5.63 -2.75
CA TYR A 212 18.75 -5.74 -1.35
C TYR A 212 19.96 -5.71 -0.41
N ALA A 213 20.98 -6.50 -0.74
CA ALA A 213 22.19 -6.57 0.06
C ALA A 213 22.85 -5.20 0.21
N LYS A 214 22.82 -4.41 -0.85
CA LYS A 214 23.45 -3.10 -0.86
C LYS A 214 22.48 -2.00 -0.42
N ASP A 215 21.25 -2.40 -0.12
CA ASP A 215 20.21 -1.44 0.27
C ASP A 215 19.97 -0.41 -0.83
N VAL A 216 20.04 -0.87 -2.08
CA VAL A 216 19.66 -0.04 -3.21
C VAL A 216 18.16 -0.21 -3.42
N GLY A 217 17.37 0.57 -2.70
CA GLY A 217 15.93 0.40 -2.72
C GLY A 217 15.13 1.65 -3.03
N TRP A 218 13.81 1.50 -3.05
CA TRP A 218 12.89 2.61 -3.25
C TRP A 218 11.87 2.64 -2.12
N ARG A 219 11.35 3.83 -1.82
CA ARG A 219 10.21 3.93 -0.93
C ARG A 219 8.97 4.19 -1.77
N ILE A 220 8.23 3.12 -2.08
CA ILE A 220 7.05 3.22 -2.93
C ILE A 220 5.80 2.70 -2.23
N ASP A 221 5.97 2.24 -1.00
CA ASP A 221 4.84 1.85 -0.16
C ASP A 221 4.55 2.96 0.85
N TYR A 222 3.28 3.36 0.93
CA TYR A 222 2.88 4.49 1.75
C TYR A 222 1.72 4.17 2.68
N GLN A 223 1.54 5.06 3.65
CA GLN A 223 0.28 5.21 4.36
C GLN A 223 -0.09 6.69 4.29
N MET A 224 -0.85 7.06 3.27
CA MET A 224 -1.30 8.45 3.12
C MET A 224 -2.45 8.75 4.08
N VAL A 225 -2.27 9.73 4.94
CA VAL A 225 -3.23 9.94 6.03
C VAL A 225 -3.85 11.33 6.03
N THR A 226 -5.10 11.41 6.48
CA THR A 226 -5.79 12.69 6.64
C THR A 226 -5.21 13.45 7.83
N PRO A 227 -5.31 14.79 7.81
CA PRO A 227 -4.67 15.68 8.78
C PRO A 227 -4.87 15.27 10.24
N GLU A 228 -6.11 15.26 10.70
CA GLU A 228 -6.41 14.98 12.11
C GLU A 228 -5.76 13.70 12.60
N LEU A 229 -5.89 12.62 11.83
CA LEU A 229 -5.32 11.34 12.22
C LEU A 229 -3.81 11.33 12.10
N ALA A 230 -3.30 12.10 11.14
CA ALA A 230 -1.85 12.20 10.93
C ALA A 230 -1.16 12.79 12.15
N ALA A 231 -1.78 13.81 12.73
CA ALA A 231 -1.23 14.47 13.91
C ALA A 231 -1.21 13.53 15.12
N LYS A 232 -1.96 12.43 15.02
CA LYS A 232 -2.04 11.47 16.12
C LYS A 232 -1.04 10.33 15.98
N ALA A 233 -0.34 10.28 14.84
CA ALA A 233 0.67 9.27 14.62
C ALA A 233 1.82 9.44 15.61
N VAL A 234 2.27 8.34 16.20
CA VAL A 234 3.31 8.39 17.22
C VAL A 234 4.65 7.84 16.73
N SER A 235 4.60 6.82 15.87
CA SER A 235 5.82 6.22 15.36
C SER A 235 5.56 5.32 14.16
N ALA A 236 6.63 4.86 13.52
CA ALA A 236 6.55 3.96 12.37
C ALA A 236 7.89 3.28 12.14
N HIS A 237 7.86 2.14 11.47
CA HIS A 237 9.08 1.43 11.13
C HIS A 237 8.88 0.51 9.93
N VAL A 238 9.98 0.26 9.21
CA VAL A 238 9.96 -0.69 8.11
C VAL A 238 10.49 -2.02 8.62
N TYR A 239 9.60 -2.99 8.79
CA TYR A 239 9.97 -4.27 9.38
C TYR A 239 10.87 -5.09 8.46
N LYS A 240 12.09 -5.36 8.91
CA LYS A 240 13.04 -6.14 8.13
C LYS A 240 13.68 -7.28 8.92
N ASP A 241 13.22 -7.51 10.14
CA ASP A 241 13.72 -8.63 10.94
C ASP A 241 13.51 -9.94 10.18
N GLU A 242 12.40 -10.01 9.45
CA GLU A 242 12.12 -11.15 8.59
C GLU A 242 11.80 -10.63 7.19
N LYS A 243 11.88 -11.51 6.20
CA LYS A 243 11.60 -11.14 4.82
C LYS A 243 10.59 -12.10 4.21
N PHE A 244 9.42 -11.58 3.84
CA PHE A 244 8.36 -12.41 3.27
C PHE A 244 8.10 -12.05 1.82
N SER A 245 8.84 -11.07 1.30
CA SER A 245 8.55 -10.50 -0.01
C SER A 245 9.68 -9.58 -0.46
N ASP A 246 9.61 -9.10 -1.69
CA ASP A 246 10.58 -8.11 -2.16
C ASP A 246 10.20 -6.72 -1.64
N HIS A 247 9.01 -6.63 -1.06
CA HIS A 247 8.61 -5.44 -0.31
C HIS A 247 8.76 -5.72 1.19
N ALA A 248 8.95 -4.66 1.97
CA ALA A 248 8.98 -4.78 3.42
C ALA A 248 7.74 -4.11 4.01
N PRO A 249 7.14 -4.74 5.04
CA PRO A 249 5.94 -4.19 5.67
C PRO A 249 6.18 -2.81 6.27
N LEU A 250 5.25 -1.89 6.06
CA LEU A 250 5.30 -0.57 6.66
C LEU A 250 4.33 -0.51 7.84
N VAL A 251 4.87 -0.31 9.04
CA VAL A 251 4.05 -0.30 10.24
C VAL A 251 3.94 1.11 10.81
N VAL A 252 2.72 1.51 11.16
CA VAL A 252 2.50 2.81 11.77
C VAL A 252 1.57 2.70 12.97
N GLU A 253 1.92 3.39 14.05
CA GLU A 253 1.12 3.40 15.26
C GLU A 253 0.48 4.76 15.48
N TYR A 254 -0.81 4.75 15.80
CA TYR A 254 -1.55 5.99 16.02
C TYR A 254 -2.14 6.03 17.43
N ASP A 255 -2.01 7.18 18.07
CA ASP A 255 -2.63 7.39 19.38
C ASP A 255 -4.07 7.82 19.18
N TYR A 256 -4.97 6.85 19.04
CA TYR A 256 -6.37 7.14 18.75
C TYR A 256 -7.14 7.46 20.03
O5' 3DR B 6 6.62 -2.36 -10.34
P 3DR B 6 5.97 -3.61 -9.59
OP1 3DR B 6 6.65 -3.79 -8.28
OP2 3DR B 6 4.49 -3.45 -9.62
C2' 3DR B 6 9.79 0.94 -9.95
C5' 3DR B 6 8.03 -2.15 -10.23
C4' 3DR B 6 8.44 -0.85 -10.88
O4' 3DR B 6 7.60 0.23 -10.39
C1' 3DR B 6 8.35 1.02 -9.48
C3' 3DR B 6 9.89 -0.44 -10.60
O3' 3DR B 6 10.60 -0.38 -11.83
#